data_7DYG
#
_entry.id   7DYG
#
_cell.length_a   71.720
_cell.length_b   71.720
_cell.length_c   151.242
_cell.angle_alpha   90.000
_cell.angle_beta   90.000
_cell.angle_gamma   90.000
#
_symmetry.space_group_name_H-M   'P 43 21 2'
#
loop_
_entity.id
_entity.type
_entity.pdbx_description
1 polymer 'Lysine-specific demethylase 4D'
2 non-polymer '2-(1H-pyrazol-3-yl)pyridine-4-carboxylic acid'
3 non-polymer 'FE (III) ION'
4 water water
#
_entity_poly.entity_id   1
_entity_poly.type   'polypeptide(L)'
_entity_poly.pdbx_seq_one_letter_code
;AQNPNCNIMIFHPTKEEFNDFDKYIAYMESQGAHRAGLAKIIPPKEWKARETYDNISEILIATPLQQVASGRAGVFTQYH
KKKKAMTVGEYRHLANSKKYQTPPHQNFEDLERKYWKNRIYNSPIYGADISGSLFDENTKQWNLGHLGTIQDLLEKECGV
VIEGVNTPYLYFGMWKTTFAWHTEDMDLYSINYLHLGEPKTWYVVPPEHGQRLERLARELFPGSSRGCGAFLRHKVALIS
PTVLKENGIPFNRITQEAGEFMVTFPYGYHAGFNHGFNCAEAINFATPRWIDYGKMASQCSCGEARVTFSMDAFVRILQP
ERYDLWKRGQ
;
_entity_poly.pdbx_strand_id   A
#
loop_
_chem_comp.id
_chem_comp.type
_chem_comp.name
_chem_comp.formula
0WS non-polymer '2-(1H-pyrazol-3-yl)pyridine-4-carboxylic acid' 'C9 H7 N3 O2'
FE non-polymer 'FE (III) ION' 'Fe 3'
#
# COMPACT_ATOMS: atom_id res chain seq x y z
N ALA A 1 7.14 -7.55 -26.22
CA ALA A 1 6.55 -7.03 -24.96
C ALA A 1 7.65 -6.75 -23.94
N GLN A 2 7.56 -5.59 -23.30
CA GLN A 2 8.54 -5.16 -22.33
C GLN A 2 8.33 -5.89 -21.01
N ASN A 3 9.42 -6.27 -20.38
CA ASN A 3 9.41 -6.90 -19.06
C ASN A 3 8.50 -8.13 -19.01
N PRO A 4 8.68 -9.09 -19.93
CA PRO A 4 7.80 -10.28 -19.94
C PRO A 4 7.91 -11.16 -18.70
N ASN A 5 9.03 -11.16 -17.99
CA ASN A 5 9.11 -11.91 -16.75
C ASN A 5 8.47 -11.17 -15.57
N CYS A 6 7.94 -9.96 -15.78
CA CYS A 6 7.24 -9.21 -14.73
C CYS A 6 8.15 -8.93 -13.53
N ASN A 7 9.40 -8.57 -13.78
CA ASN A 7 10.32 -8.19 -12.70
C ASN A 7 10.04 -6.76 -12.20
N ILE A 8 10.28 -6.54 -10.92
CA ILE A 8 10.18 -5.21 -10.33
C ILE A 8 11.31 -4.37 -10.90
N MET A 9 10.96 -3.30 -11.59
CA MET A 9 11.93 -2.38 -12.14
C MET A 9 12.23 -1.23 -11.18
N ILE A 10 13.48 -0.78 -11.21
CA ILE A 10 14.00 0.32 -10.40
C ILE A 10 14.41 1.45 -11.32
N PHE A 11 13.96 2.66 -11.02
CA PHE A 11 14.18 3.81 -11.89
C PHE A 11 14.96 4.88 -11.16
N HIS A 12 15.83 5.55 -11.90
CA HIS A 12 16.69 6.62 -11.38
C HIS A 12 16.50 7.86 -12.23
N PRO A 13 15.36 8.54 -12.11
CA PRO A 13 15.12 9.72 -12.95
C PRO A 13 16.14 10.82 -12.68
N THR A 14 16.44 11.58 -13.73
CA THR A 14 17.21 12.81 -13.61
C THR A 14 16.28 13.90 -13.09
N LYS A 15 16.86 15.01 -12.65
CA LYS A 15 16.02 16.10 -12.18
C LYS A 15 15.09 16.58 -13.28
N GLU A 16 15.53 16.50 -14.53
CA GLU A 16 14.67 16.89 -15.64
C GLU A 16 13.51 15.91 -15.77
N GLU A 17 13.79 14.61 -15.67
CA GLU A 17 12.76 13.60 -15.80
C GLU A 17 11.77 13.65 -14.64
N PHE A 18 12.19 14.23 -13.51
CA PHE A 18 11.40 14.26 -12.29
C PHE A 18 10.42 15.41 -12.27
N ASN A 19 10.33 16.18 -13.35
CA ASN A 19 9.52 17.39 -13.36
C ASN A 19 8.10 17.19 -13.87
N ASP A 20 7.76 16.01 -14.36
CA ASP A 20 6.42 15.79 -14.86
C ASP A 20 6.00 14.41 -14.42
N PHE A 21 5.15 14.36 -13.39
CA PHE A 21 4.81 13.10 -12.76
C PHE A 21 4.11 12.15 -13.74
N ASP A 22 3.03 12.62 -14.36
CA ASP A 22 2.28 11.78 -15.30
C ASP A 22 3.16 11.25 -16.41
N LYS A 23 4.05 12.10 -16.90
CA LYS A 23 4.88 11.72 -18.03
C LYS A 23 5.84 10.62 -17.64
N TYR A 24 6.42 10.70 -16.44
CA TYR A 24 7.32 9.65 -15.99
C TYR A 24 6.58 8.34 -15.69
N ILE A 25 5.39 8.41 -15.08
CA ILE A 25 4.59 7.19 -14.93
C ILE A 25 4.41 6.52 -16.30
N ALA A 26 4.06 7.31 -17.30
CA ALA A 26 3.85 6.75 -18.63
C ALA A 26 5.14 6.16 -19.18
N TYR A 27 6.27 6.84 -18.96
CA TYR A 27 7.57 6.31 -19.37
C TYR A 27 7.84 4.95 -18.73
N MET A 28 7.64 4.87 -17.42
N MET A 28 7.63 4.87 -17.42
CA MET A 28 7.85 3.61 -16.74
CA MET A 28 7.86 3.60 -16.74
C MET A 28 7.02 2.51 -17.37
C MET A 28 7.02 2.49 -17.36
N GLU A 29 5.76 2.80 -17.69
CA GLU A 29 4.92 1.80 -18.32
C GLU A 29 5.41 1.46 -19.73
N SER A 30 5.99 2.43 -20.46
CA SER A 30 6.53 2.11 -21.78
C SER A 30 7.63 1.09 -21.67
N GLN A 31 8.30 1.04 -20.53
CA GLN A 31 9.37 0.08 -20.28
C GLN A 31 8.87 -1.20 -19.62
N GLY A 32 7.55 -1.38 -19.47
CA GLY A 32 6.99 -2.60 -18.91
C GLY A 32 6.91 -2.65 -17.39
N ALA A 33 7.13 -1.53 -16.71
CA ALA A 33 7.18 -1.53 -15.26
C ALA A 33 5.91 -2.10 -14.64
N HIS A 34 4.75 -1.77 -15.21
CA HIS A 34 3.48 -2.15 -14.62
C HIS A 34 3.27 -3.64 -14.57
N ARG A 35 3.94 -4.39 -15.45
CA ARG A 35 3.72 -5.84 -15.48
C ARG A 35 4.10 -6.51 -14.18
N ALA A 36 5.06 -5.95 -13.43
CA ALA A 36 5.40 -6.49 -12.12
C ALA A 36 4.36 -6.17 -11.05
N GLY A 37 3.59 -5.09 -11.21
CA GLY A 37 2.63 -4.63 -10.20
C GLY A 37 3.19 -3.59 -9.26
N LEU A 38 4.49 -3.40 -9.27
CA LEU A 38 5.20 -2.54 -8.33
C LEU A 38 6.48 -2.08 -9.01
N ALA A 39 6.83 -0.81 -8.82
CA ALA A 39 8.12 -0.29 -9.26
C ALA A 39 8.70 0.58 -8.15
N LYS A 40 10.02 0.65 -8.11
CA LYS A 40 10.72 1.58 -7.24
C LYS A 40 11.28 2.76 -8.03
N ILE A 41 11.18 3.95 -7.46
CA ILE A 41 11.73 5.17 -8.05
C ILE A 41 12.66 5.84 -7.06
N ILE A 42 13.92 5.98 -7.42
CA ILE A 42 14.91 6.62 -6.59
C ILE A 42 15.02 8.07 -7.04
N PRO A 43 14.72 9.04 -6.20
CA PRO A 43 14.69 10.41 -6.64
C PRO A 43 16.09 10.92 -6.97
N PRO A 44 16.20 11.94 -7.81
CA PRO A 44 17.51 12.54 -8.07
C PRO A 44 18.19 12.95 -6.77
N LYS A 45 19.51 12.78 -6.73
CA LYS A 45 20.27 13.14 -5.53
C LYS A 45 20.03 14.58 -5.12
N GLU A 46 19.60 15.45 -6.05
CA GLU A 46 19.33 16.85 -5.72
C GLU A 46 18.06 17.04 -4.90
N TRP A 47 17.17 16.06 -4.88
CA TRP A 47 15.79 16.27 -4.43
C TRP A 47 15.64 15.95 -2.95
N LYS A 48 14.66 16.60 -2.31
CA LYS A 48 14.32 16.28 -0.93
C LYS A 48 12.83 16.53 -0.68
N ALA A 49 12.23 15.71 0.18
CA ALA A 49 10.82 15.86 0.53
C ALA A 49 10.60 17.10 1.40
N ARG A 50 11.51 17.34 2.33
CA ARG A 50 11.45 18.48 3.25
C ARG A 50 12.86 18.67 3.80
N GLU A 51 13.07 19.75 4.57
CA GLU A 51 14.42 20.04 5.04
C GLU A 51 14.85 19.07 6.13
N THR A 52 14.03 18.90 7.16
CA THR A 52 14.36 18.06 8.28
C THR A 52 13.10 17.37 8.79
N TYR A 53 13.29 16.26 9.49
CA TYR A 53 12.20 15.59 10.21
C TYR A 53 12.26 15.88 11.71
N ASP A 54 12.84 17.03 12.10
CA ASP A 54 13.12 17.36 13.50
C ASP A 54 11.85 17.56 14.32
N ASN A 55 10.81 18.16 13.73
CA ASN A 55 9.69 18.64 14.53
C ASN A 55 8.39 17.89 14.21
N ILE A 56 8.45 16.55 14.11
CA ILE A 56 7.27 15.75 13.80
C ILE A 56 6.69 15.03 15.01
N SER A 57 7.31 15.18 16.19
CA SER A 57 6.95 14.39 17.37
C SER A 57 5.58 14.71 17.94
N GLU A 58 5.01 15.85 17.57
CA GLU A 58 3.74 16.30 18.14
C GLU A 58 2.55 15.91 17.31
N ILE A 59 2.76 15.34 16.12
CA ILE A 59 1.66 14.74 15.38
C ILE A 59 0.97 13.72 16.26
N LEU A 60 -0.34 13.65 16.15
CA LEU A 60 -1.14 12.72 16.94
C LEU A 60 -1.54 11.51 16.12
N ILE A 61 -1.34 10.33 16.70
CA ILE A 61 -1.91 9.08 16.20
C ILE A 61 -3.16 8.89 17.04
N ALA A 62 -4.29 9.34 16.52
CA ALA A 62 -5.51 9.34 17.32
C ALA A 62 -5.94 7.93 17.71
N THR A 63 -5.75 6.96 16.82
CA THR A 63 -6.18 5.58 17.06
C THR A 63 -5.11 4.61 16.58
N PRO A 64 -4.08 4.40 17.37
CA PRO A 64 -3.11 3.35 17.06
C PRO A 64 -3.83 2.01 17.03
N LEU A 65 -3.36 1.11 16.17
CA LEU A 65 -3.99 -0.20 15.99
C LEU A 65 -3.01 -1.30 16.34
N GLN A 66 -3.39 -2.19 17.26
CA GLN A 66 -2.60 -3.37 17.57
C GLN A 66 -3.02 -4.51 16.65
N GLN A 67 -2.07 -5.07 15.92
CA GLN A 67 -2.35 -6.05 14.88
C GLN A 67 -2.19 -7.46 15.43
N VAL A 68 -3.32 -8.08 15.78
CA VAL A 68 -3.34 -9.37 16.45
C VAL A 68 -3.61 -10.47 15.43
N ALA A 69 -2.75 -11.49 15.40
CA ALA A 69 -2.81 -12.51 14.37
C ALA A 69 -3.53 -13.76 14.86
N SER A 70 -4.13 -14.46 13.90
CA SER A 70 -4.71 -15.79 14.12
C SER A 70 -4.34 -16.67 12.95
N GLY A 71 -3.92 -17.90 13.23
CA GLY A 71 -3.65 -18.86 12.21
C GLY A 71 -2.30 -19.52 12.42
N ARG A 72 -1.59 -19.74 11.32
CA ARG A 72 -0.28 -20.36 11.30
C ARG A 72 0.77 -19.34 10.85
N ALA A 73 2.05 -19.71 11.01
CA ALA A 73 3.10 -18.73 10.81
C ALA A 73 3.07 -18.14 9.40
N GLY A 74 2.84 -18.97 8.40
CA GLY A 74 2.79 -18.56 7.00
C GLY A 74 1.42 -18.31 6.40
N VAL A 75 0.35 -18.50 7.16
CA VAL A 75 -1.03 -18.36 6.68
C VAL A 75 -1.84 -17.90 7.87
N PHE A 76 -2.13 -16.60 7.93
CA PHE A 76 -2.80 -16.04 9.10
C PHE A 76 -3.59 -14.81 8.67
N THR A 77 -4.56 -14.46 9.51
CA THR A 77 -5.26 -13.19 9.39
C THR A 77 -4.88 -12.33 10.59
N GLN A 78 -5.17 -11.04 10.49
CA GLN A 78 -4.87 -10.13 11.58
C GLN A 78 -6.05 -9.22 11.76
N TYR A 79 -6.39 -8.95 13.01
CA TYR A 79 -7.41 -7.97 13.30
C TYR A 79 -6.79 -6.81 14.04
N HIS A 80 -7.44 -5.66 13.93
CA HIS A 80 -6.91 -4.40 14.43
C HIS A 80 -7.64 -4.02 15.71
N LYS A 81 -6.93 -4.05 16.81
CA LYS A 81 -7.48 -3.66 18.09
C LYS A 81 -7.12 -2.20 18.35
N LYS A 82 -8.13 -1.37 18.60
CA LYS A 82 -7.90 0.05 18.85
C LYS A 82 -7.25 0.31 20.19
N LYS A 83 -6.27 1.21 20.21
CA LYS A 83 -5.54 1.61 21.40
C LYS A 83 -5.77 3.09 21.65
N LYS A 84 -5.36 3.54 22.82
CA LYS A 84 -5.48 4.96 23.15
C LYS A 84 -4.51 5.78 22.31
N ALA A 85 -4.88 7.04 22.10
CA ALA A 85 -4.09 7.93 21.25
C ALA A 85 -2.70 8.15 21.84
N MET A 86 -1.73 8.39 20.96
N MET A 86 -1.73 8.40 20.95
CA MET A 86 -0.41 8.78 21.38
CA MET A 86 -0.40 8.78 21.38
C MET A 86 0.20 9.66 20.30
C MET A 86 0.22 9.64 20.30
N THR A 87 1.16 10.48 20.70
CA THR A 87 1.89 11.27 19.74
C THR A 87 2.92 10.41 19.03
N VAL A 88 3.44 10.95 17.93
CA VAL A 88 4.49 10.27 17.20
C VAL A 88 5.72 10.09 18.09
N GLY A 89 6.03 11.09 18.92
CA GLY A 89 7.12 10.94 19.87
C GLY A 89 6.90 9.78 20.82
N GLU A 90 5.69 9.64 21.35
CA GLU A 90 5.44 8.52 22.24
C GLU A 90 5.50 7.21 21.48
N TYR A 91 4.99 7.21 20.25
CA TYR A 91 4.99 6.00 19.44
C TYR A 91 6.41 5.58 19.09
N ARG A 92 7.26 6.54 18.76
CA ARG A 92 8.66 6.22 18.44
C ARG A 92 9.34 5.56 19.64
N HIS A 93 9.10 6.09 20.83
CA HIS A 93 9.69 5.53 22.04
C HIS A 93 9.20 4.10 22.25
N LEU A 94 7.91 3.88 22.04
CA LEU A 94 7.36 2.54 22.15
C LEU A 94 7.95 1.61 21.12
N ALA A 95 8.07 2.07 19.87
CA ALA A 95 8.66 1.24 18.82
C ALA A 95 10.06 0.78 19.19
N ASN A 96 10.82 1.63 19.86
CA ASN A 96 12.20 1.35 20.19
C ASN A 96 12.36 0.66 21.54
N SER A 97 11.25 0.32 22.21
CA SER A 97 11.35 -0.33 23.50
C SER A 97 11.73 -1.79 23.33
N LYS A 98 12.09 -2.44 24.45
CA LYS A 98 12.56 -3.82 24.34
C LYS A 98 11.46 -4.72 23.80
N LYS A 99 10.22 -4.45 24.17
CA LYS A 99 9.11 -5.30 23.73
C LYS A 99 8.96 -5.29 22.21
N TYR A 100 9.16 -4.13 21.59
CA TYR A 100 8.80 -3.95 20.20
C TYR A 100 9.98 -3.76 19.26
N GLN A 101 11.20 -3.63 19.75
CA GLN A 101 12.28 -3.17 18.89
C GLN A 101 12.72 -4.27 17.94
N THR A 102 13.30 -3.84 16.82
CA THR A 102 13.85 -4.76 15.83
C THR A 102 14.93 -5.65 16.47
N PRO A 103 14.93 -6.94 16.22
CA PRO A 103 15.98 -7.79 16.79
C PRO A 103 17.24 -7.71 15.97
N PRO A 104 18.38 -8.16 16.52
CA PRO A 104 19.61 -8.19 15.73
C PRO A 104 19.43 -9.03 14.47
N HIS A 105 20.02 -8.58 13.37
CA HIS A 105 19.93 -9.34 12.13
C HIS A 105 21.13 -9.04 11.27
N GLN A 106 21.48 -10.02 10.43
CA GLN A 106 22.63 -9.86 9.54
C GLN A 106 22.30 -9.02 8.31
N ASN A 107 21.10 -9.14 7.75
CA ASN A 107 20.73 -8.44 6.52
C ASN A 107 19.21 -8.55 6.32
N PHE A 108 18.73 -7.99 5.20
CA PHE A 108 17.28 -7.97 4.97
C PHE A 108 16.72 -9.39 4.88
N GLU A 109 17.46 -10.32 4.25
CA GLU A 109 16.97 -11.68 4.11
C GLU A 109 16.83 -12.38 5.47
N ASP A 110 17.79 -12.15 6.35
CA ASP A 110 17.73 -12.66 7.71
C ASP A 110 16.53 -12.11 8.48
N LEU A 111 16.29 -10.80 8.39
CA LEU A 111 15.14 -10.21 9.09
C LEU A 111 13.83 -10.78 8.54
N GLU A 112 13.78 -11.00 7.23
CA GLU A 112 12.58 -11.56 6.61
C GLU A 112 12.29 -12.96 7.13
N ARG A 113 13.33 -13.78 7.27
CA ARG A 113 13.18 -15.11 7.84
C ARG A 113 12.60 -15.00 9.25
N LYS A 114 13.16 -14.12 10.07
CA LYS A 114 12.66 -13.93 11.43
C LYS A 114 11.20 -13.46 11.41
N TYR A 115 10.86 -12.57 10.46
CA TYR A 115 9.49 -12.06 10.38
C TYR A 115 8.51 -13.21 10.18
N TRP A 116 8.72 -14.00 9.14
CA TRP A 116 7.73 -15.02 8.86
C TRP A 116 7.77 -16.14 9.89
N LYS A 117 8.89 -16.33 10.57
CA LYS A 117 8.96 -17.37 11.60
C LYS A 117 8.14 -16.97 12.83
N ASN A 118 8.19 -15.70 13.23
CA ASN A 118 7.72 -15.23 14.54
C ASN A 118 6.62 -14.17 14.55
N ARG A 119 6.24 -13.61 13.41
CA ARG A 119 5.28 -12.50 13.40
C ARG A 119 4.02 -12.84 14.20
N ILE A 120 3.47 -14.04 14.00
CA ILE A 120 2.16 -14.28 14.59
C ILE A 120 2.21 -14.28 16.12
N TYR A 121 3.39 -14.45 16.73
CA TYR A 121 3.51 -14.51 18.18
C TYR A 121 3.69 -13.17 18.83
N ASN A 122 3.56 -12.08 18.07
CA ASN A 122 3.63 -10.75 18.62
C ASN A 122 2.49 -9.94 18.03
N SER A 123 2.19 -8.81 18.64
CA SER A 123 1.09 -7.95 18.22
C SER A 123 1.61 -6.53 18.14
N PRO A 124 2.26 -6.16 17.05
CA PRO A 124 2.80 -4.81 16.95
C PRO A 124 1.68 -3.80 16.76
N ILE A 125 2.02 -2.54 17.00
CA ILE A 125 1.06 -1.45 17.01
C ILE A 125 1.42 -0.51 15.88
N TYR A 126 0.41 -0.09 15.10
CA TYR A 126 0.57 0.63 13.84
C TYR A 126 -0.18 1.96 13.89
N GLY A 127 0.41 3.02 13.36
CA GLY A 127 -0.34 4.23 13.13
C GLY A 127 -0.75 4.30 11.67
N ALA A 128 -2.02 4.10 11.32
CA ALA A 128 -2.38 3.92 9.93
C ALA A 128 -3.38 4.95 9.45
N ASP A 129 -3.29 5.26 8.16
CA ASP A 129 -4.30 6.06 7.48
C ASP A 129 -4.57 7.36 8.25
N ILE A 130 -3.50 8.07 8.58
CA ILE A 130 -3.61 9.37 9.23
C ILE A 130 -3.58 10.44 8.13
N SER A 131 -4.71 11.12 7.92
CA SER A 131 -4.74 12.17 6.92
C SER A 131 -3.71 13.23 7.23
N GLY A 132 -2.90 13.57 6.24
CA GLY A 132 -1.85 14.56 6.41
C GLY A 132 -0.72 14.34 5.43
N SER A 133 0.28 15.22 5.50
CA SER A 133 1.42 15.16 4.59
C SER A 133 2.67 15.69 5.29
N LEU A 134 3.79 15.03 5.07
CA LEU A 134 5.07 15.52 5.54
C LEU A 134 5.91 16.15 4.42
N PHE A 135 5.34 16.35 3.24
CA PHE A 135 6.05 17.08 2.21
C PHE A 135 6.00 18.57 2.53
N ASP A 136 7.13 19.24 2.29
CA ASP A 136 7.17 20.69 2.37
C ASP A 136 6.30 21.26 1.26
N GLU A 137 5.48 22.25 1.59
CA GLU A 137 4.63 22.83 0.57
C GLU A 137 5.45 23.41 -0.57
N ASN A 138 6.73 23.71 -0.33
CA ASN A 138 7.62 24.25 -1.36
C ASN A 138 8.30 23.19 -2.20
N THR A 139 8.15 21.91 -1.85
CA THR A 139 8.70 20.85 -2.68
C THR A 139 7.83 20.72 -3.92
N LYS A 140 8.42 20.95 -5.09
CA LYS A 140 7.65 21.11 -6.31
C LYS A 140 7.51 19.82 -7.13
N GLN A 141 8.35 18.82 -6.89
CA GLN A 141 8.39 17.60 -7.69
C GLN A 141 7.98 16.42 -6.82
N TRP A 142 7.08 15.58 -7.32
CA TRP A 142 6.68 14.33 -6.67
C TRP A 142 6.24 14.58 -5.23
N ASN A 143 5.54 15.70 -5.04
CA ASN A 143 4.93 16.04 -3.76
C ASN A 143 3.56 15.37 -3.70
N LEU A 144 3.41 14.38 -2.82
CA LEU A 144 2.21 13.55 -2.84
C LEU A 144 0.96 14.32 -2.44
N GLY A 145 1.10 15.51 -1.85
CA GLY A 145 -0.03 16.36 -1.54
C GLY A 145 -0.43 17.29 -2.67
N HIS A 146 0.30 17.29 -3.78
CA HIS A 146 0.04 18.16 -4.91
C HIS A 146 -0.19 17.37 -6.19
N LEU A 147 -0.54 16.09 -6.10
CA LEU A 147 -0.85 15.40 -7.33
C LEU A 147 -2.22 15.85 -7.84
N GLY A 148 -2.48 15.59 -9.11
CA GLY A 148 -3.84 15.74 -9.63
C GLY A 148 -4.76 14.67 -9.05
N THR A 149 -6.03 15.01 -8.90
CA THR A 149 -6.95 14.16 -8.17
C THR A 149 -7.53 13.10 -9.09
N ILE A 150 -7.98 12.00 -8.48
CA ILE A 150 -8.69 10.98 -9.23
C ILE A 150 -10.00 11.52 -9.79
N GLN A 151 -10.67 12.41 -9.05
CA GLN A 151 -11.94 12.95 -9.54
C GLN A 151 -11.74 13.76 -10.81
N ASP A 152 -10.66 14.54 -10.87
CA ASP A 152 -10.37 15.33 -12.06
C ASP A 152 -9.99 14.41 -13.22
N LEU A 153 -9.28 13.32 -12.93
CA LEU A 153 -8.93 12.38 -13.98
C LEU A 153 -10.18 11.70 -14.54
N LEU A 154 -11.10 11.28 -13.67
CA LEU A 154 -12.32 10.65 -14.15
C LEU A 154 -13.16 11.63 -14.95
N GLU A 155 -13.21 12.89 -14.51
CA GLU A 155 -13.92 13.92 -15.27
C GLU A 155 -13.28 14.13 -16.64
N LYS A 156 -11.95 14.13 -16.69
CA LYS A 156 -11.25 14.41 -17.94
C LYS A 156 -11.44 13.29 -18.95
N GLU A 157 -11.51 12.05 -18.48
CA GLU A 157 -11.62 10.90 -19.36
C GLU A 157 -13.07 10.61 -19.74
N CYS A 158 -14.00 10.82 -18.81
CA CYS A 158 -15.36 10.35 -18.98
C CYS A 158 -16.38 11.44 -19.13
N GLY A 159 -16.02 12.70 -18.88
CA GLY A 159 -16.87 13.85 -19.19
C GLY A 159 -17.81 14.29 -18.09
N VAL A 160 -17.72 13.69 -16.91
CA VAL A 160 -18.69 13.89 -15.84
C VAL A 160 -17.96 14.40 -14.59
N VAL A 161 -18.45 15.49 -14.03
CA VAL A 161 -17.93 16.04 -12.79
C VAL A 161 -18.48 15.23 -11.64
N ILE A 162 -17.62 14.91 -10.65
CA ILE A 162 -18.08 14.17 -9.49
C ILE A 162 -17.58 14.84 -8.22
N GLU A 163 -18.32 14.63 -7.14
CA GLU A 163 -17.90 15.06 -5.83
C GLU A 163 -16.73 14.22 -5.37
N GLY A 164 -16.06 14.69 -4.34
CA GLY A 164 -14.98 13.93 -3.79
C GLY A 164 -13.66 14.62 -3.81
N VAL A 165 -12.82 14.17 -2.90
CA VAL A 165 -11.50 14.70 -2.71
C VAL A 165 -10.54 13.52 -2.54
N ASN A 166 -9.25 13.81 -2.57
CA ASN A 166 -8.24 12.77 -2.71
C ASN A 166 -6.97 13.35 -2.09
N THR A 167 -6.69 12.99 -0.83
CA THR A 167 -5.58 13.52 -0.05
C THR A 167 -4.69 12.42 0.53
N PRO A 168 -3.45 12.74 0.86
CA PRO A 168 -2.51 11.70 1.30
C PRO A 168 -2.73 11.26 2.74
N TYR A 169 -2.15 10.10 3.05
CA TYR A 169 -2.20 9.50 4.36
C TYR A 169 -0.80 9.17 4.86
N LEU A 170 -0.61 9.33 6.16
CA LEU A 170 0.61 8.97 6.85
C LEU A 170 0.47 7.64 7.55
N TYR A 171 1.57 6.89 7.60
CA TYR A 171 1.65 5.58 8.25
C TYR A 171 2.88 5.57 9.14
N PHE A 172 2.70 5.31 10.42
CA PHE A 172 3.81 5.20 11.35
C PHE A 172 3.93 3.73 11.73
N GLY A 173 5.09 3.13 11.46
CA GLY A 173 5.28 1.71 11.63
C GLY A 173 6.36 1.38 12.66
N MET A 174 6.38 0.11 13.06
CA MET A 174 7.42 -0.46 13.90
C MET A 174 7.69 -1.87 13.40
N TRP A 175 8.70 -2.51 13.97
CA TRP A 175 9.02 -3.88 13.62
C TRP A 175 7.77 -4.76 13.66
N LYS A 176 7.60 -5.57 12.63
CA LYS A 176 6.56 -6.56 12.38
C LYS A 176 5.23 -5.94 11.98
N THR A 177 5.11 -4.62 11.97
CA THR A 177 3.90 -3.99 11.46
C THR A 177 3.64 -4.49 10.04
N THR A 178 2.40 -4.84 9.75
CA THR A 178 2.10 -5.69 8.60
C THR A 178 1.00 -5.08 7.73
N PHE A 179 1.18 -5.10 6.42
CA PHE A 179 0.06 -4.79 5.55
C PHE A 179 -0.31 -6.03 4.75
N ALA A 180 -1.60 -6.38 4.87
CA ALA A 180 -2.12 -7.61 4.31
C ALA A 180 -2.21 -7.53 2.79
N TRP A 181 -2.34 -8.72 2.17
CA TRP A 181 -2.52 -8.83 0.72
C TRP A 181 -3.74 -8.06 0.25
N HIS A 182 -3.55 -7.15 -0.71
CA HIS A 182 -4.65 -6.35 -1.23
C HIS A 182 -4.22 -5.69 -2.54
N THR A 183 -5.22 -5.31 -3.32
CA THR A 183 -5.09 -4.28 -4.34
C THR A 183 -5.75 -3.02 -3.80
N GLU A 184 -5.48 -1.90 -4.47
CA GLU A 184 -6.05 -0.64 -4.03
C GLU A 184 -7.55 -0.62 -4.28
N ASP A 185 -8.24 0.24 -3.53
CA ASP A 185 -9.64 0.53 -3.81
C ASP A 185 -9.81 0.83 -5.29
N MET A 186 -10.83 0.24 -5.89
CA MET A 186 -11.16 0.43 -7.31
C MET A 186 -9.99 0.05 -8.20
N ASP A 187 -9.06 -0.77 -7.68
CA ASP A 187 -7.83 -1.16 -8.37
C ASP A 187 -7.09 0.05 -8.94
N LEU A 188 -7.03 1.12 -8.15
CA LEU A 188 -6.26 2.29 -8.47
C LEU A 188 -4.77 2.01 -8.37
N TYR A 189 -3.99 2.96 -8.88
CA TYR A 189 -2.58 3.02 -8.54
C TYR A 189 -2.40 3.52 -7.12
N SER A 190 -1.22 3.28 -6.56
CA SER A 190 -0.82 4.01 -5.37
C SER A 190 0.64 4.39 -5.50
N ILE A 191 1.01 5.44 -4.77
CA ILE A 191 2.40 5.83 -4.62
C ILE A 191 2.67 6.04 -3.14
N ASN A 192 3.80 5.48 -2.68
CA ASN A 192 4.20 5.40 -1.28
C ASN A 192 5.63 5.94 -1.18
N TYR A 193 5.83 6.94 -0.30
CA TYR A 193 7.14 7.51 -0.04
C TYR A 193 7.55 7.18 1.38
N LEU A 194 8.72 6.60 1.54
CA LEU A 194 9.22 6.30 2.86
C LEU A 194 10.03 7.51 3.35
N HIS A 195 9.41 8.27 4.24
CA HIS A 195 9.97 9.54 4.68
C HIS A 195 11.19 9.33 5.56
N LEU A 196 11.12 8.37 6.47
CA LEU A 196 12.20 8.27 7.44
C LEU A 196 12.16 6.95 8.18
N GLY A 197 13.34 6.57 8.69
CA GLY A 197 13.42 5.41 9.54
C GLY A 197 13.80 4.13 8.84
N GLU A 198 13.37 3.01 9.41
CA GLU A 198 13.81 1.71 8.95
C GLU A 198 13.01 1.27 7.72
N PRO A 199 13.51 0.25 7.00
CA PRO A 199 12.88 -0.14 5.72
C PRO A 199 11.50 -0.76 5.79
N LYS A 200 10.95 -0.99 4.60
CA LYS A 200 9.67 -1.65 4.40
C LYS A 200 9.89 -2.66 3.28
N THR A 201 9.65 -3.95 3.59
CA THR A 201 9.72 -5.01 2.58
C THR A 201 8.35 -5.26 1.97
N TRP A 202 8.32 -5.37 0.66
CA TRP A 202 7.12 -5.48 -0.14
C TRP A 202 7.15 -6.81 -0.87
N TYR A 203 5.96 -7.42 -0.98
CA TYR A 203 5.68 -8.53 -1.87
C TYR A 203 4.61 -8.12 -2.87
N VAL A 204 4.70 -8.61 -4.11
CA VAL A 204 3.76 -8.20 -5.13
C VAL A 204 3.52 -9.34 -6.10
N VAL A 205 2.28 -9.47 -6.56
CA VAL A 205 1.90 -10.42 -7.60
C VAL A 205 1.64 -9.64 -8.89
N PRO A 206 2.20 -10.05 -10.03
CA PRO A 206 1.92 -9.37 -11.28
C PRO A 206 0.42 -9.28 -11.53
N PRO A 207 -0.06 -8.14 -12.03
CA PRO A 207 -1.49 -8.02 -12.30
C PRO A 207 -2.04 -9.12 -13.19
N GLU A 208 -1.29 -9.59 -14.18
CA GLU A 208 -1.82 -10.64 -15.05
C GLU A 208 -2.05 -11.95 -14.29
N HIS A 209 -1.48 -12.08 -13.11
CA HIS A 209 -1.64 -13.30 -12.33
C HIS A 209 -2.43 -13.09 -11.04
N GLY A 210 -3.07 -11.94 -10.88
CA GLY A 210 -3.81 -11.67 -9.66
C GLY A 210 -4.84 -12.75 -9.34
N GLN A 211 -5.48 -13.31 -10.36
CA GLN A 211 -6.52 -14.29 -10.07
C GLN A 211 -5.96 -15.56 -9.46
N ARG A 212 -4.70 -15.88 -9.73
CA ARG A 212 -4.09 -17.04 -9.08
C ARG A 212 -3.99 -16.86 -7.57
N LEU A 213 -3.57 -15.66 -7.14
CA LEU A 213 -3.56 -15.35 -5.71
C LEU A 213 -4.96 -15.43 -5.12
N GLU A 214 -5.96 -14.91 -5.83
CA GLU A 214 -7.33 -14.95 -5.31
C GLU A 214 -7.79 -16.39 -5.13
N ARG A 215 -7.45 -17.28 -6.08
CA ARG A 215 -7.84 -18.68 -5.93
C ARG A 215 -7.17 -19.32 -4.71
N LEU A 216 -5.89 -19.06 -4.52
CA LEU A 216 -5.18 -19.63 -3.37
C LEU A 216 -5.77 -19.10 -2.07
N ALA A 217 -6.05 -17.80 -2.02
CA ALA A 217 -6.62 -17.24 -0.82
C ALA A 217 -7.95 -17.92 -0.47
N ARG A 218 -8.77 -18.20 -1.48
CA ARG A 218 -10.04 -18.86 -1.20
C ARG A 218 -9.81 -20.23 -0.60
N GLU A 219 -8.78 -20.94 -1.07
CA GLU A 219 -8.42 -22.24 -0.49
C GLU A 219 -7.89 -22.09 0.94
N LEU A 220 -7.11 -21.06 1.19
CA LEU A 220 -6.43 -20.95 2.47
C LEU A 220 -7.27 -20.30 3.55
N PHE A 221 -8.28 -19.52 3.19
CA PHE A 221 -9.15 -18.83 4.13
C PHE A 221 -10.60 -19.19 3.79
N PRO A 222 -10.98 -20.46 3.97
CA PRO A 222 -12.26 -20.90 3.39
C PRO A 222 -13.47 -20.24 4.02
N GLY A 223 -13.47 -20.06 5.34
CA GLY A 223 -14.58 -19.36 5.97
C GLY A 223 -14.70 -17.91 5.52
N SER A 224 -13.57 -17.19 5.51
CA SER A 224 -13.56 -15.82 4.99
C SER A 224 -14.12 -15.76 3.57
N SER A 225 -13.72 -16.72 2.74
CA SER A 225 -14.14 -16.68 1.35
C SER A 225 -15.64 -16.85 1.23
N ARG A 226 -16.24 -17.73 2.04
CA ARG A 226 -17.69 -17.91 2.01
C ARG A 226 -18.42 -16.66 2.47
N GLY A 227 -17.88 -15.94 3.45
CA GLY A 227 -18.53 -14.74 3.93
C GLY A 227 -18.54 -13.60 2.93
N CYS A 228 -17.53 -13.51 2.07
CA CYS A 228 -17.42 -12.40 1.13
C CYS A 228 -16.71 -12.83 -0.14
N GLY A 229 -17.35 -12.60 -1.28
CA GLY A 229 -16.80 -12.92 -2.59
C GLY A 229 -15.61 -12.08 -3.01
N ALA A 230 -15.26 -11.06 -2.21
CA ALA A 230 -14.05 -10.27 -2.44
C ALA A 230 -13.38 -9.99 -1.10
N PHE A 231 -13.16 -11.04 -0.31
CA PHE A 231 -12.73 -10.81 1.07
C PHE A 231 -11.33 -10.23 1.16
N LEU A 232 -10.52 -10.30 0.10
CA LEU A 232 -9.21 -9.67 0.20
C LEU A 232 -9.34 -8.15 0.32
N ARG A 233 -10.49 -7.61 -0.08
CA ARG A 233 -10.79 -6.21 0.18
C ARG A 233 -10.84 -5.88 1.65
N HIS A 234 -11.02 -6.89 2.53
CA HIS A 234 -11.00 -6.58 3.96
C HIS A 234 -9.61 -6.27 4.48
N LYS A 235 -8.58 -6.65 3.73
CA LYS A 235 -7.19 -6.37 4.06
C LYS A 235 -6.82 -6.93 5.43
N VAL A 236 -6.97 -8.25 5.58
CA VAL A 236 -6.62 -8.95 6.81
C VAL A 236 -5.84 -10.23 6.57
N ALA A 237 -5.63 -10.66 5.34
CA ALA A 237 -5.02 -11.96 5.10
C ALA A 237 -3.54 -11.87 4.73
N LEU A 238 -2.74 -12.77 5.31
CA LEU A 238 -1.31 -12.87 5.06
C LEU A 238 -0.97 -14.28 4.63
N ILE A 239 -0.12 -14.37 3.62
CA ILE A 239 0.39 -15.62 3.07
C ILE A 239 1.87 -15.38 2.83
N SER A 240 2.72 -16.27 3.33
CA SER A 240 4.17 -16.09 3.28
C SER A 240 4.72 -16.38 1.89
N PRO A 241 5.92 -15.88 1.58
CA PRO A 241 6.57 -16.26 0.31
C PRO A 241 6.78 -17.75 0.16
N THR A 242 7.11 -18.45 1.24
CA THR A 242 7.25 -19.90 1.18
C THR A 242 5.97 -20.57 0.72
N VAL A 243 4.83 -20.17 1.28
CA VAL A 243 3.56 -20.77 0.88
C VAL A 243 3.20 -20.38 -0.54
N LEU A 244 3.48 -19.13 -0.93
CA LEU A 244 3.23 -18.73 -2.30
C LEU A 244 4.03 -19.60 -3.26
N LYS A 245 5.32 -19.80 -2.96
CA LYS A 245 6.17 -20.61 -3.83
C LYS A 245 5.68 -22.06 -3.88
N GLU A 246 5.28 -22.60 -2.73
CA GLU A 246 4.77 -23.97 -2.67
C GLU A 246 3.55 -24.15 -3.54
N ASN A 247 2.79 -23.08 -3.76
CA ASN A 247 1.57 -23.16 -4.53
C ASN A 247 1.71 -22.59 -5.94
N GLY A 248 2.94 -22.34 -6.39
CA GLY A 248 3.15 -21.90 -7.76
C GLY A 248 2.67 -20.51 -8.08
N ILE A 249 2.44 -19.67 -7.08
CA ILE A 249 1.99 -18.29 -7.29
C ILE A 249 3.16 -17.43 -7.71
N PRO A 250 3.13 -16.78 -8.87
CA PRO A 250 4.25 -15.90 -9.24
C PRO A 250 4.23 -14.62 -8.42
N PHE A 251 5.39 -14.27 -7.87
CA PHE A 251 5.47 -13.04 -7.09
C PHE A 251 6.91 -12.56 -7.09
N ASN A 252 7.08 -11.32 -6.62
CA ASN A 252 8.40 -10.76 -6.42
C ASN A 252 8.46 -10.04 -5.10
N ARG A 253 9.67 -9.70 -4.66
CA ARG A 253 9.84 -8.97 -3.42
C ARG A 253 10.92 -7.92 -3.60
N ILE A 254 10.85 -6.87 -2.78
CA ILE A 254 11.85 -5.82 -2.80
C ILE A 254 11.73 -5.05 -1.50
N THR A 255 12.86 -4.50 -1.04
CA THR A 255 12.90 -3.67 0.16
C THR A 255 13.06 -2.21 -0.22
N GLN A 256 12.18 -1.39 0.33
CA GLN A 256 12.15 0.05 0.16
C GLN A 256 12.84 0.68 1.35
N GLU A 257 13.74 1.63 1.09
CA GLU A 257 14.46 2.34 2.13
C GLU A 257 14.05 3.81 2.15
N ALA A 258 14.37 4.48 3.26
CA ALA A 258 13.97 5.86 3.42
C ALA A 258 14.51 6.67 2.26
N GLY A 259 13.70 7.58 1.76
CA GLY A 259 14.05 8.40 0.63
C GLY A 259 13.65 7.84 -0.71
N GLU A 260 12.98 6.69 -0.74
CA GLU A 260 12.59 6.05 -2.00
C GLU A 260 11.07 6.01 -2.15
N PHE A 261 10.61 6.14 -3.40
CA PHE A 261 9.22 5.95 -3.77
C PHE A 261 8.98 4.54 -4.27
N MET A 262 7.79 4.01 -3.95
CA MET A 262 7.25 2.82 -4.59
C MET A 262 5.91 3.18 -5.21
N VAL A 263 5.71 2.69 -6.42
CA VAL A 263 4.43 2.79 -7.11
C VAL A 263 3.85 1.39 -7.28
N THR A 264 2.58 1.30 -6.99
CA THR A 264 1.77 0.12 -7.13
C THR A 264 0.83 0.36 -8.31
N PHE A 265 0.67 -0.65 -9.15
CA PHE A 265 -0.03 -0.47 -10.43
C PHE A 265 -1.40 -1.13 -10.36
N PRO A 266 -2.33 -0.76 -11.23
CA PRO A 266 -3.69 -1.30 -11.11
C PRO A 266 -3.72 -2.82 -11.06
N TYR A 267 -4.46 -3.32 -10.08
CA TYR A 267 -4.68 -4.75 -9.83
C TYR A 267 -3.39 -5.48 -9.48
N GLY A 268 -2.38 -4.77 -9.00
CA GLY A 268 -1.20 -5.43 -8.48
C GLY A 268 -1.37 -5.73 -7.00
N TYR A 269 -1.58 -7.01 -6.66
CA TYR A 269 -1.69 -7.40 -5.25
C TYR A 269 -0.37 -7.19 -4.54
N HIS A 270 -0.42 -6.60 -3.36
CA HIS A 270 0.80 -6.41 -2.59
C HIS A 270 0.54 -6.57 -1.10
N ALA A 271 1.64 -6.80 -0.37
CA ALA A 271 1.68 -7.02 1.08
C ALA A 271 3.10 -6.71 1.51
N GLY A 272 3.30 -6.56 2.82
CA GLY A 272 4.64 -6.29 3.31
C GLY A 272 4.69 -6.04 4.80
N PHE A 273 5.89 -5.68 5.27
CA PHE A 273 6.10 -5.46 6.68
C PHE A 273 7.20 -4.42 6.88
N ASN A 274 7.13 -3.72 8.01
CA ASN A 274 8.13 -2.73 8.38
C ASN A 274 9.22 -3.37 9.25
N HIS A 275 10.45 -2.88 9.05
CA HIS A 275 11.64 -3.40 9.70
C HIS A 275 11.86 -2.80 11.08
N GLY A 276 11.23 -1.66 11.36
CA GLY A 276 11.47 -0.92 12.57
C GLY A 276 10.71 0.39 12.48
N PHE A 277 10.96 1.30 13.45
CA PHE A 277 10.23 2.56 13.43
C PHE A 277 10.41 3.24 12.08
N ASN A 278 9.31 3.67 11.48
CA ASN A 278 9.43 4.44 10.25
C ASN A 278 8.15 5.25 10.02
N CYS A 279 8.20 6.09 8.99
CA CYS A 279 7.06 6.89 8.61
C CYS A 279 6.99 6.92 7.10
N ALA A 280 5.82 6.59 6.57
CA ALA A 280 5.60 6.59 5.14
C ALA A 280 4.39 7.44 4.84
N GLU A 281 4.31 7.89 3.60
CA GLU A 281 3.17 8.66 3.11
C GLU A 281 2.71 8.03 1.81
N ALA A 282 1.40 7.91 1.66
CA ALA A 282 0.85 7.27 0.48
C ALA A 282 -0.44 7.94 0.03
N ILE A 283 -0.73 7.79 -1.26
CA ILE A 283 -1.97 8.30 -1.84
C ILE A 283 -2.29 7.46 -3.07
N ASN A 284 -3.57 7.31 -3.36
CA ASN A 284 -3.96 6.68 -4.63
C ASN A 284 -3.97 7.69 -5.76
N PHE A 285 -3.72 7.22 -6.97
CA PHE A 285 -3.84 8.08 -8.13
C PHE A 285 -4.33 7.25 -9.31
N ALA A 286 -4.63 7.96 -10.41
CA ALA A 286 -5.23 7.37 -11.60
C ALA A 286 -4.55 7.93 -12.84
N THR A 287 -4.57 7.16 -13.91
CA THR A 287 -4.18 7.58 -15.25
C THR A 287 -5.25 7.10 -16.20
N PRO A 288 -5.19 7.47 -17.49
CA PRO A 288 -6.22 6.96 -18.40
C PRO A 288 -6.25 5.45 -18.48
N ARG A 289 -5.09 4.80 -18.37
CA ARG A 289 -5.05 3.35 -18.43
C ARG A 289 -5.77 2.71 -17.27
N TRP A 290 -5.96 3.43 -16.17
CA TRP A 290 -6.67 2.85 -15.03
C TRP A 290 -8.16 2.64 -15.30
N ILE A 291 -8.76 3.45 -16.17
CA ILE A 291 -10.22 3.50 -16.28
C ILE A 291 -10.78 2.09 -16.47
N ASP A 292 -10.22 1.33 -17.40
CA ASP A 292 -10.75 -0.01 -17.67
C ASP A 292 -10.58 -0.94 -16.48
N TYR A 293 -9.56 -0.73 -15.66
CA TYR A 293 -9.43 -1.49 -14.41
C TYR A 293 -10.50 -1.10 -13.40
N GLY A 294 -10.75 0.20 -13.25
CA GLY A 294 -11.79 0.62 -12.33
C GLY A 294 -13.16 0.09 -12.70
N LYS A 295 -13.43 -0.02 -14.01
CA LYS A 295 -14.72 -0.57 -14.46
C LYS A 295 -14.90 -2.01 -14.04
N MET A 296 -13.81 -2.77 -13.94
CA MET A 296 -13.86 -4.20 -13.67
C MET A 296 -13.51 -4.57 -12.23
N ALA A 297 -13.26 -3.60 -11.35
CA ALA A 297 -12.77 -3.92 -10.03
C ALA A 297 -13.84 -4.67 -9.24
N SER A 298 -13.42 -5.72 -8.55
CA SER A 298 -14.30 -6.42 -7.63
C SER A 298 -14.61 -5.54 -6.44
N GLN A 299 -15.77 -5.77 -5.84
CA GLN A 299 -16.20 -4.97 -4.72
C GLN A 299 -16.66 -5.88 -3.59
N CYS A 300 -16.35 -5.49 -2.36
CA CYS A 300 -16.90 -6.15 -1.19
C CYS A 300 -18.22 -5.47 -0.89
N SER A 301 -19.28 -6.24 -0.89
CA SER A 301 -20.52 -5.82 -0.28
C SER A 301 -20.75 -6.54 1.04
N CYS A 302 -19.68 -7.16 1.61
CA CYS A 302 -19.75 -7.83 2.92
C CYS A 302 -20.23 -6.85 4.00
N GLY A 303 -19.90 -5.57 3.87
CA GLY A 303 -19.92 -4.64 4.96
C GLY A 303 -18.56 -4.37 5.57
N GLU A 304 -17.62 -5.31 5.44
CA GLU A 304 -16.39 -5.24 6.20
C GLU A 304 -15.37 -4.25 5.65
N ALA A 305 -15.32 -4.05 4.33
CA ALA A 305 -14.28 -3.19 3.79
C ALA A 305 -14.55 -1.72 4.10
N ARG A 306 -13.48 -0.96 4.31
CA ARG A 306 -13.57 0.44 4.72
C ARG A 306 -13.86 1.34 3.51
N VAL A 307 -14.95 2.09 3.58
CA VAL A 307 -15.43 2.93 2.48
C VAL A 307 -15.07 4.38 2.77
N THR A 308 -14.31 5.01 1.87
CA THR A 308 -14.22 6.47 1.85
C THR A 308 -15.43 7.04 1.12
N PHE A 309 -15.78 8.29 1.46
CA PHE A 309 -16.87 8.96 0.76
C PHE A 309 -16.56 9.12 -0.72
N SER A 310 -15.28 9.20 -1.06
CA SER A 310 -14.89 9.44 -2.44
C SER A 310 -15.16 8.21 -3.31
N MET A 311 -15.20 7.01 -2.75
CA MET A 311 -15.33 5.85 -3.64
C MET A 311 -16.75 5.70 -4.20
N ASP A 312 -17.75 6.24 -3.51
CA ASP A 312 -19.13 6.17 -3.98
C ASP A 312 -19.25 6.55 -5.45
N ALA A 313 -18.66 7.67 -5.82
CA ALA A 313 -18.83 8.15 -7.17
C ALA A 313 -18.14 7.27 -8.19
N PHE A 314 -17.01 6.65 -7.83
CA PHE A 314 -16.33 5.78 -8.78
C PHE A 314 -17.19 4.56 -9.11
N VAL A 315 -17.81 3.96 -8.09
CA VAL A 315 -18.69 2.82 -8.31
C VAL A 315 -19.93 3.27 -9.07
N ARG A 316 -20.49 4.42 -8.67
CA ARG A 316 -21.71 4.94 -9.27
C ARG A 316 -21.54 5.16 -10.77
N ILE A 317 -20.42 5.74 -11.19
CA ILE A 317 -20.21 6.07 -12.60
C ILE A 317 -19.67 4.86 -13.37
N LEU A 318 -18.66 4.19 -12.82
CA LEU A 318 -17.98 3.14 -13.56
C LEU A 318 -18.65 1.78 -13.45
N GLN A 319 -19.45 1.55 -12.41
CA GLN A 319 -20.06 0.24 -12.17
C GLN A 319 -21.53 0.42 -11.77
N PRO A 320 -22.33 1.05 -12.63
CA PRO A 320 -23.72 1.33 -12.22
C PRO A 320 -24.51 0.09 -11.86
N GLU A 321 -24.28 -1.04 -12.52
CA GLU A 321 -25.01 -2.25 -12.17
C GLU A 321 -24.70 -2.72 -10.74
N ARG A 322 -23.44 -2.57 -10.29
CA ARG A 322 -23.03 -3.03 -8.97
C ARG A 322 -23.36 -2.03 -7.87
N TYR A 323 -23.78 -0.82 -8.22
CA TYR A 323 -23.84 0.28 -7.27
C TYR A 323 -24.82 0.02 -6.14
N ASP A 324 -26.05 -0.36 -6.46
CA ASP A 324 -27.07 -0.61 -5.45
C ASP A 324 -26.53 -1.53 -4.35
N LEU A 325 -26.14 -2.74 -4.74
CA LEU A 325 -25.68 -3.71 -3.76
C LEU A 325 -24.48 -3.17 -2.97
N TRP A 326 -23.53 -2.56 -3.65
CA TRP A 326 -22.36 -2.06 -2.93
C TRP A 326 -22.77 -1.02 -1.91
N LYS A 327 -23.68 -0.13 -2.31
CA LYS A 327 -24.14 0.95 -1.44
C LYS A 327 -24.76 0.41 -0.17
N ARG A 328 -25.59 -0.63 -0.30
CA ARG A 328 -26.18 -1.27 0.87
C ARG A 328 -25.12 -1.75 1.85
N GLY A 329 -24.06 -2.38 1.34
CA GLY A 329 -22.97 -2.83 2.20
C GLY A 329 -22.17 -1.71 2.84
N GLN A 330 -22.40 -0.45 2.46
CA GLN A 330 -21.66 0.66 3.02
C GLN A 330 -22.55 1.50 3.95
C5 0WS B . 1.60 -0.21 2.06
C2 0WS B . -0.31 0.83 3.02
C3 0WS B . -0.99 0.49 1.86
C4 0WS B . 0.85 -0.53 0.96
C6 0WS B . -2.45 0.83 1.66
O 0WS B . 1.46 0.55 5.47
C1 0WS B . 1.04 0.47 3.11
O1 0WS B . 3.07 1.22 4.11
C 0WS B . 1.91 0.78 4.31
N 0WS B . -0.42 -0.20 0.89
C8 0WS B . -3.31 1.41 2.63
C7 0WS B . -4.55 1.52 1.95
N2 0WS B . -4.38 1.04 0.73
N1 0WS B . -3.12 0.64 0.54
H4 0WS B . 2.49 -0.48 2.10
H2 0WS B . -0.72 1.31 3.70
H3 0WS B . 1.24 -1.00 0.25
H6 0WS B . -3.11 1.66 3.50
H5 0WS B . -5.34 1.87 2.30
H 0WS B . -5.00 1.01 0.13
FE FE C . -1.75 -0.59 -0.78
#